data_3GJ9
#
_entry.id   3GJ9
#
_cell.length_a   86.457
_cell.length_b   86.457
_cell.length_c   101.517
_cell.angle_alpha   90.00
_cell.angle_beta   90.00
_cell.angle_gamma   90.00
#
_symmetry.space_group_name_H-M   'P 43 2 2'
#
loop_
_entity.id
_entity.type
_entity.pdbx_description
1 polymer 'Tax1-binding protein 3'
2 polymer 'C-terminal peptide from Inward rectifier potassium channel 4'
3 non-polymer 'ZINC ION'
4 non-polymer 'CHLORIDE ION'
5 water water
#
loop_
_entity_poly.entity_id
_entity_poly.type
_entity_poly.pdbx_seq_one_letter_code
_entity_poly.pdbx_strand_id
1 'polypeptide(L)'
;MSYIPGQPVTAVVQRVEIHKLRQGENLILGFSIGGGIDQDPSQNPFSEDKTDKGIYVTRVSEGGPAEIAGLQIGDKIMQV
NGWDMTMVTHDQARKRLTKRSEEVVRLLVTRQSLQKAVQQSMLS
;
A,B
2 'polypeptide(L)' NISYRRESAI C,D
#
# COMPACT_ATOMS: atom_id res chain seq x y z
N THR A 10 -17.46 1.79 5.15
CA THR A 10 -17.20 0.88 4.00
C THR A 10 -16.17 1.47 3.04
N ALA A 11 -16.43 1.34 1.74
CA ALA A 11 -15.53 1.86 0.72
C ALA A 11 -15.96 3.22 0.19
N VAL A 12 -15.00 4.12 0.00
CA VAL A 12 -15.29 5.45 -0.52
C VAL A 12 -14.89 5.59 -1.99
N VAL A 13 -15.58 6.45 -2.70
CA VAL A 13 -15.32 6.68 -4.11
C VAL A 13 -14.66 8.04 -4.36
N GLN A 14 -13.54 8.02 -5.09
CA GLN A 14 -12.82 9.26 -5.38
C GLN A 14 -12.26 9.28 -6.80
N ARG A 15 -12.01 10.48 -7.32
CA ARG A 15 -11.45 10.58 -8.65
C ARG A 15 -10.04 11.14 -8.66
N VAL A 16 -9.19 10.49 -9.45
CA VAL A 16 -7.80 10.86 -9.57
C VAL A 16 -7.53 11.27 -11.00
N GLU A 17 -6.86 12.40 -11.18
CA GLU A 17 -6.52 12.89 -12.51
C GLU A 17 -5.00 12.85 -12.62
N ILE A 18 -4.50 12.04 -13.54
CA ILE A 18 -3.06 11.90 -13.72
C ILE A 18 -2.57 12.43 -15.06
N HIS A 19 -1.66 13.37 -15.03
CA HIS A 19 -1.11 13.88 -16.27
C HIS A 19 0.08 12.96 -16.60
N LYS A 20 0.03 12.31 -17.74
CA LYS A 20 1.10 11.40 -18.14
C LYS A 20 2.44 12.12 -18.26
N LEU A 21 3.51 11.36 -18.10
CA LEU A 21 4.87 11.90 -18.17
C LEU A 21 5.45 11.56 -19.55
N ARG A 22 5.80 12.60 -20.32
CA ARG A 22 6.34 12.41 -21.66
C ARG A 22 7.83 12.15 -21.62
N GLN A 23 8.19 10.86 -21.63
CA GLN A 23 9.60 10.49 -21.61
C GLN A 23 10.00 10.14 -23.04
N GLY A 24 10.53 11.14 -23.74
CA GLY A 24 10.93 10.90 -25.12
C GLY A 24 9.71 10.66 -25.97
N GLU A 25 9.44 9.39 -26.28
CA GLU A 25 8.29 9.04 -27.11
C GLU A 25 7.32 8.16 -26.33
N ASN A 26 7.62 7.97 -25.04
CA ASN A 26 6.77 7.16 -24.19
C ASN A 26 5.99 8.04 -23.22
N LEU A 27 4.79 7.58 -22.86
CA LEU A 27 3.96 8.30 -21.92
C LEU A 27 3.79 7.42 -20.69
N ILE A 28 4.33 7.89 -19.57
CA ILE A 28 4.32 7.15 -18.33
C ILE A 28 3.30 7.66 -17.32
N LEU A 29 2.64 6.72 -16.66
CA LEU A 29 1.65 7.05 -15.64
C LEU A 29 2.23 6.82 -14.23
N GLY A 30 3.14 5.86 -14.11
CA GLY A 30 3.76 5.57 -12.84
C GLY A 30 3.02 4.65 -11.89
N PHE A 31 2.37 3.62 -12.43
CA PHE A 31 1.67 2.68 -11.57
C PHE A 31 1.40 1.36 -12.30
N SER A 32 1.03 0.31 -11.57
CA SER A 32 0.76 -0.98 -12.20
C SER A 32 -0.62 -1.51 -11.86
N ILE A 33 -1.14 -2.34 -12.75
CA ILE A 33 -2.46 -2.88 -12.53
C ILE A 33 -2.52 -4.40 -12.58
N GLY A 34 -3.57 -4.92 -11.95
CA GLY A 34 -3.83 -6.35 -11.90
C GLY A 34 -5.33 -6.48 -11.93
N GLY A 35 -5.83 -7.63 -12.39
CA GLY A 35 -7.27 -7.81 -12.44
C GLY A 35 -7.79 -7.97 -13.85
N GLY A 36 -9.11 -7.99 -13.96
CA GLY A 36 -9.74 -8.18 -15.26
C GLY A 36 -10.49 -9.49 -15.27
N ILE A 37 -11.60 -9.51 -16.01
CA ILE A 37 -12.44 -10.69 -16.12
C ILE A 37 -11.70 -11.92 -16.64
N ASP A 38 -10.67 -11.71 -17.46
CA ASP A 38 -9.88 -12.80 -18.01
C ASP A 38 -8.80 -13.26 -17.03
N GLN A 39 -8.96 -12.87 -15.76
CA GLN A 39 -7.99 -13.23 -14.74
C GLN A 39 -8.63 -13.86 -13.50
N ASP A 40 -7.84 -14.63 -12.75
CA ASP A 40 -8.31 -15.29 -11.54
C ASP A 40 -8.43 -14.28 -10.40
N PRO A 41 -9.66 -13.82 -10.09
CA PRO A 41 -9.95 -12.84 -9.03
C PRO A 41 -9.56 -13.24 -7.61
N SER A 42 -9.40 -14.54 -7.38
CA SER A 42 -9.04 -15.04 -6.06
C SER A 42 -7.62 -14.65 -5.65
N GLN A 43 -6.78 -14.36 -6.63
CA GLN A 43 -5.42 -13.96 -6.36
C GLN A 43 -5.33 -12.45 -6.19
N ASN A 44 -6.32 -11.86 -5.53
CA ASN A 44 -6.33 -10.43 -5.32
C ASN A 44 -6.47 -10.10 -3.85
N PRO A 45 -5.37 -9.65 -3.22
CA PRO A 45 -5.30 -9.28 -1.82
C PRO A 45 -6.00 -7.98 -1.42
N PHE A 46 -6.32 -7.12 -2.39
CA PHE A 46 -6.93 -5.84 -2.09
C PHE A 46 -8.46 -5.81 -2.10
N SER A 47 -9.07 -6.85 -2.65
CA SER A 47 -10.52 -6.92 -2.73
C SER A 47 -11.12 -7.76 -1.61
N GLU A 48 -12.17 -7.22 -0.96
CA GLU A 48 -12.84 -7.96 0.12
C GLU A 48 -13.45 -9.22 -0.49
N ASP A 49 -14.18 -9.04 -1.59
CA ASP A 49 -14.81 -10.14 -2.30
C ASP A 49 -13.74 -10.76 -3.22
N LYS A 50 -13.45 -12.05 -3.04
CA LYS A 50 -12.44 -12.71 -3.86
C LYS A 50 -12.95 -13.16 -5.21
N THR A 51 -14.14 -12.71 -5.58
CA THR A 51 -14.71 -13.06 -6.89
C THR A 51 -14.59 -11.82 -7.78
N ASP A 52 -14.42 -10.66 -7.14
CA ASP A 52 -14.29 -9.39 -7.83
C ASP A 52 -13.12 -9.45 -8.81
N LYS A 53 -13.42 -9.35 -10.10
CA LYS A 53 -12.41 -9.42 -11.15
C LYS A 53 -12.13 -8.03 -11.73
N GLY A 54 -12.51 -7.00 -10.98
CA GLY A 54 -12.27 -5.65 -11.43
C GLY A 54 -10.80 -5.33 -11.55
N ILE A 55 -10.47 -4.09 -11.89
CA ILE A 55 -9.10 -3.66 -12.04
C ILE A 55 -8.60 -2.99 -10.76
N TYR A 56 -7.39 -3.34 -10.34
CA TYR A 56 -6.80 -2.80 -9.12
C TYR A 56 -5.40 -2.29 -9.33
N VAL A 57 -5.04 -1.28 -8.53
CA VAL A 57 -3.71 -0.70 -8.59
C VAL A 57 -2.81 -1.56 -7.70
N THR A 58 -1.86 -2.25 -8.30
CA THR A 58 -0.97 -3.11 -7.54
C THR A 58 0.36 -2.46 -7.19
N ARG A 59 0.67 -1.36 -7.86
CA ARG A 59 1.93 -0.65 -7.62
C ARG A 59 1.82 0.82 -7.96
N VAL A 60 2.54 1.63 -7.21
CA VAL A 60 2.55 3.07 -7.43
C VAL A 60 3.98 3.57 -7.24
N SER A 61 4.65 3.90 -8.33
CA SER A 61 6.02 4.38 -8.28
C SER A 61 6.22 5.66 -7.47
N GLU A 62 7.31 5.69 -6.68
CA GLU A 62 7.64 6.85 -5.85
C GLU A 62 8.02 8.03 -6.72
N GLY A 63 7.44 9.19 -6.40
CA GLY A 63 7.74 10.38 -7.16
C GLY A 63 7.23 10.30 -8.58
N GLY A 64 6.28 9.42 -8.84
CA GLY A 64 5.74 9.30 -10.17
C GLY A 64 4.49 10.14 -10.31
N PRO A 65 3.92 10.25 -11.53
CA PRO A 65 2.72 11.04 -11.77
C PRO A 65 1.53 10.55 -10.92
N ALA A 66 1.29 9.25 -10.95
CA ALA A 66 0.20 8.65 -10.20
C ALA A 66 0.32 8.90 -8.70
N GLU A 67 1.51 8.70 -8.14
CA GLU A 67 1.67 8.92 -6.71
C GLU A 67 1.37 10.37 -6.34
N ILE A 68 1.87 11.30 -7.14
CA ILE A 68 1.66 12.72 -6.89
C ILE A 68 0.18 13.09 -7.08
N ALA A 69 -0.51 12.34 -7.95
CA ALA A 69 -1.90 12.57 -8.26
C ALA A 69 -2.87 12.03 -7.21
N GLY A 70 -2.39 11.12 -6.36
CA GLY A 70 -3.26 10.59 -5.32
C GLY A 70 -3.55 9.09 -5.40
N LEU A 71 -3.19 8.47 -6.52
CA LEU A 71 -3.41 7.04 -6.68
C LEU A 71 -2.74 6.31 -5.53
N GLN A 72 -3.42 5.32 -4.97
CA GLN A 72 -2.91 4.52 -3.86
C GLN A 72 -3.00 3.04 -4.20
N ILE A 73 -2.03 2.27 -3.74
CA ILE A 73 -2.01 0.84 -4.00
C ILE A 73 -3.30 0.24 -3.43
N GLY A 74 -3.86 -0.74 -4.14
CA GLY A 74 -5.10 -1.34 -3.68
C GLY A 74 -6.36 -0.65 -4.18
N ASP A 75 -6.19 0.51 -4.82
CA ASP A 75 -7.34 1.25 -5.38
C ASP A 75 -7.98 0.46 -6.53
N LYS A 76 -9.30 0.51 -6.61
CA LYS A 76 -10.00 -0.20 -7.69
C LYS A 76 -10.43 0.81 -8.73
N ILE A 77 -9.97 0.62 -9.96
CA ILE A 77 -10.31 1.54 -11.05
C ILE A 77 -11.70 1.27 -11.62
N MET A 78 -12.66 2.13 -11.30
CA MET A 78 -14.03 1.98 -11.80
C MET A 78 -14.11 2.37 -13.26
N GLN A 79 -13.62 3.57 -13.59
CA GLN A 79 -13.64 4.03 -14.97
C GLN A 79 -12.52 4.98 -15.32
N VAL A 80 -12.17 5.01 -16.60
CA VAL A 80 -11.11 5.86 -17.10
C VAL A 80 -11.60 6.72 -18.26
N ASN A 81 -11.54 8.03 -18.09
CA ASN A 81 -11.98 8.96 -19.13
C ASN A 81 -13.32 8.57 -19.74
N GLY A 82 -14.30 8.33 -18.88
CA GLY A 82 -15.62 7.95 -19.36
C GLY A 82 -15.82 6.46 -19.57
N TRP A 83 -14.79 5.76 -20.02
CA TRP A 83 -14.90 4.32 -20.25
C TRP A 83 -15.00 3.51 -18.98
N ASP A 84 -15.84 2.48 -19.00
CA ASP A 84 -15.99 1.63 -17.84
C ASP A 84 -14.82 0.67 -17.68
N MET A 85 -14.42 0.42 -16.43
CA MET A 85 -13.30 -0.47 -16.15
C MET A 85 -13.69 -1.63 -15.24
N THR A 86 -14.97 -1.77 -14.96
CA THR A 86 -15.41 -2.85 -14.09
C THR A 86 -15.59 -4.21 -14.79
N MET A 87 -15.98 -4.18 -16.07
CA MET A 87 -16.22 -5.41 -16.82
C MET A 87 -15.27 -5.62 -17.98
N VAL A 88 -14.02 -5.19 -17.85
CA VAL A 88 -13.06 -5.35 -18.93
C VAL A 88 -11.97 -6.36 -18.63
N THR A 89 -11.26 -6.76 -19.68
CA THR A 89 -10.16 -7.71 -19.54
C THR A 89 -8.90 -6.93 -19.21
N HIS A 90 -7.85 -7.64 -18.84
CA HIS A 90 -6.60 -7.00 -18.49
C HIS A 90 -6.10 -6.11 -19.61
N ASP A 91 -5.98 -6.68 -20.81
CA ASP A 91 -5.50 -5.91 -21.97
C ASP A 91 -6.35 -4.69 -22.28
N GLN A 92 -7.66 -4.80 -22.07
CA GLN A 92 -8.54 -3.68 -22.35
C GLN A 92 -8.20 -2.51 -21.46
N ALA A 93 -8.10 -2.78 -20.16
CA ALA A 93 -7.77 -1.75 -19.19
C ALA A 93 -6.39 -1.16 -19.51
N ARG A 94 -5.51 -2.00 -19.99
CA ARG A 94 -4.15 -1.59 -20.34
C ARG A 94 -4.18 -0.61 -21.51
N LYS A 95 -5.05 -0.90 -22.48
CA LYS A 95 -5.17 -0.05 -23.66
C LYS A 95 -5.89 1.26 -23.36
N ARG A 96 -6.85 1.24 -22.45
CA ARG A 96 -7.59 2.44 -22.10
C ARG A 96 -6.80 3.41 -21.22
N LEU A 97 -5.65 2.96 -20.72
CA LEU A 97 -4.82 3.81 -19.87
C LEU A 97 -3.60 4.25 -20.66
N THR A 98 -3.39 3.64 -21.81
CA THR A 98 -2.24 3.99 -22.61
C THR A 98 -2.56 4.62 -23.97
N LYS A 99 -3.73 5.21 -24.11
CA LYS A 99 -4.11 5.86 -25.35
C LYS A 99 -3.24 7.10 -25.52
N ARG A 100 -2.34 7.04 -26.49
CA ARG A 100 -1.40 8.11 -26.76
C ARG A 100 -2.01 9.48 -27.05
N SER A 101 -3.26 9.52 -27.48
CA SER A 101 -3.90 10.78 -27.79
C SER A 101 -4.42 11.52 -26.56
N GLU A 102 -4.30 10.89 -25.40
CA GLU A 102 -4.76 11.52 -24.17
C GLU A 102 -3.58 11.77 -23.24
N GLU A 103 -3.31 13.04 -22.99
CA GLU A 103 -2.20 13.43 -22.12
C GLU A 103 -2.60 13.25 -20.66
N VAL A 104 -3.89 13.07 -20.44
CA VAL A 104 -4.41 12.92 -19.09
C VAL A 104 -5.41 11.78 -18.98
N VAL A 105 -5.46 11.15 -17.81
CA VAL A 105 -6.40 10.08 -17.57
C VAL A 105 -7.17 10.51 -16.34
N ARG A 106 -8.48 10.51 -16.45
CA ARG A 106 -9.30 10.89 -15.32
C ARG A 106 -9.89 9.60 -14.79
N LEU A 107 -9.35 9.18 -13.66
CA LEU A 107 -9.75 7.94 -13.01
C LEU A 107 -10.82 8.09 -11.97
N LEU A 108 -11.71 7.12 -11.94
CA LEU A 108 -12.74 7.10 -10.94
C LEU A 108 -12.39 5.83 -10.17
N VAL A 109 -12.08 5.96 -8.89
CA VAL A 109 -11.70 4.80 -8.09
C VAL A 109 -12.41 4.74 -6.74
N THR A 110 -12.25 3.59 -6.10
CA THR A 110 -12.82 3.33 -4.78
C THR A 110 -11.71 2.69 -3.98
N ARG A 111 -11.66 2.99 -2.69
CA ARG A 111 -10.64 2.42 -1.82
C ARG A 111 -11.19 2.20 -0.42
N GLN A 112 -10.71 1.15 0.24
CA GLN A 112 -11.13 0.88 1.61
C GLN A 112 -10.87 2.20 2.33
N SER A 113 -11.97 2.87 2.69
CA SER A 113 -11.92 4.17 3.35
C SER A 113 -11.03 4.27 4.58
N LEU A 114 -10.60 3.12 5.11
CA LEU A 114 -9.79 3.14 6.32
C LEU A 114 -10.62 4.02 7.25
N GLN A 115 -9.98 4.70 8.20
CA GLN A 115 -10.72 5.57 9.12
C GLN A 115 -12.04 4.88 9.52
N LYS A 116 -12.03 3.56 9.38
CA LYS A 116 -13.19 2.72 9.70
C LYS A 116 -12.77 1.79 10.83
N ALA A 117 -12.54 2.37 12.00
CA ALA A 117 -12.13 1.63 13.18
C ALA A 117 -13.27 0.70 13.64
N ALA B 11 -5.83 8.94 20.08
CA ALA B 11 -5.68 7.87 19.04
C ALA B 11 -5.85 8.48 17.64
N VAL B 12 -4.72 8.80 17.00
CA VAL B 12 -4.74 9.41 15.67
C VAL B 12 -4.12 8.51 14.61
N VAL B 13 -4.57 8.68 13.36
CA VAL B 13 -4.07 7.87 12.25
C VAL B 13 -3.19 8.71 11.31
N GLN B 14 -2.01 8.18 11.01
CA GLN B 14 -1.08 8.89 10.13
C GLN B 14 -0.32 7.93 9.22
N ARG B 15 0.19 8.46 8.11
CA ARG B 15 0.92 7.62 7.18
C ARG B 15 2.38 8.01 7.09
N VAL B 16 3.23 7.00 7.12
CA VAL B 16 4.67 7.18 7.06
C VAL B 16 5.19 6.50 5.82
N GLU B 17 6.05 7.19 5.09
CA GLU B 17 6.64 6.64 3.88
C GLU B 17 8.12 6.53 4.11
N ILE B 18 8.63 5.31 4.09
CA ILE B 18 10.05 5.07 4.35
C ILE B 18 10.78 4.53 3.14
N HIS B 19 11.83 5.24 2.72
CA HIS B 19 12.61 4.76 1.59
C HIS B 19 13.68 3.88 2.22
N LYS B 20 13.70 2.61 1.82
CA LYS B 20 14.68 1.66 2.34
C LYS B 20 16.11 2.09 2.06
N LEU B 21 17.03 1.63 2.89
CA LEU B 21 18.45 1.96 2.75
C LEU B 21 19.14 0.78 2.09
N ARG B 22 19.76 1.02 0.93
CA ARG B 22 20.45 -0.03 0.20
C ARG B 22 21.87 -0.21 0.72
N GLN B 23 22.04 -1.16 1.62
CA GLN B 23 23.36 -1.45 2.17
C GLN B 23 23.92 -2.68 1.47
N GLY B 24 24.68 -2.44 0.40
CA GLY B 24 25.24 -3.54 -0.36
C GLY B 24 24.13 -4.30 -1.06
N GLU B 25 23.77 -5.45 -0.48
CA GLU B 25 22.72 -6.32 -1.02
C GLU B 25 21.49 -6.35 -0.12
N ASN B 26 21.56 -5.64 0.99
CA ASN B 26 20.46 -5.60 1.94
C ASN B 26 19.68 -4.30 1.90
N LEU B 27 18.41 -4.38 2.21
CA LEU B 27 17.55 -3.20 2.25
C LEU B 27 17.09 -3.02 3.68
N ILE B 28 17.53 -1.92 4.29
CA ILE B 28 17.24 -1.63 5.68
C ILE B 28 16.17 -0.56 5.88
N LEU B 29 15.30 -0.80 6.85
CA LEU B 29 14.24 0.15 7.15
C LEU B 29 14.57 0.93 8.42
N GLY B 30 15.31 0.29 9.33
CA GLY B 30 15.70 0.94 10.56
C GLY B 30 14.70 0.92 11.71
N PHE B 31 13.98 -0.19 11.87
CA PHE B 31 13.03 -0.31 12.97
C PHE B 31 12.68 -1.77 13.25
N SER B 32 12.05 -2.04 14.39
CA SER B 32 11.69 -3.41 14.74
C SER B 32 10.22 -3.55 15.05
N ILE B 33 9.71 -4.75 14.86
CA ILE B 33 8.31 -4.99 15.11
C ILE B 33 8.05 -6.15 16.07
N GLY B 34 6.86 -6.09 16.64
CA GLY B 34 6.40 -7.11 17.56
C GLY B 34 4.90 -7.21 17.35
N GLY B 35 4.32 -8.36 17.63
CA GLY B 35 2.89 -8.51 17.45
C GLY B 35 2.56 -9.57 16.44
N GLY B 36 1.27 -9.66 16.13
CA GLY B 36 0.81 -10.66 15.19
C GLY B 36 -0.13 -11.63 15.89
N ILE B 37 -1.11 -12.13 15.14
CA ILE B 37 -2.10 -13.06 15.67
C ILE B 37 -1.45 -14.32 16.28
N ASP B 38 -0.31 -14.74 15.74
CA ASP B 38 0.39 -15.93 16.23
C ASP B 38 1.24 -15.61 17.46
N GLN B 39 0.97 -14.46 18.09
CA GLN B 39 1.72 -14.03 19.26
C GLN B 39 0.82 -13.65 20.43
N ASP B 40 1.37 -13.71 21.64
CA ASP B 40 0.64 -13.38 22.87
C ASP B 40 0.50 -11.85 23.00
N PRO B 41 -0.67 -11.31 22.66
CA PRO B 41 -0.96 -9.87 22.72
C PRO B 41 -0.83 -9.20 24.08
N SER B 42 -0.89 -10.00 25.14
CA SER B 42 -0.79 -9.46 26.49
C SER B 42 0.58 -8.87 26.81
N GLN B 43 1.56 -9.18 25.96
CA GLN B 43 2.94 -8.72 26.16
C GLN B 43 3.33 -7.26 25.91
N ASN B 44 3.32 -6.47 26.98
CA ASN B 44 3.72 -5.06 27.01
C ASN B 44 3.39 -4.10 25.87
N PRO B 45 2.33 -4.35 25.09
CA PRO B 45 2.16 -3.35 24.03
C PRO B 45 1.97 -1.94 24.55
N PHE B 46 1.94 -1.02 23.60
CA PHE B 46 1.74 0.40 23.85
C PHE B 46 0.26 0.48 23.49
N SER B 47 -0.30 -0.72 23.32
CA SER B 47 -1.71 -0.94 23.00
C SER B 47 -2.52 -0.92 24.27
N GLU B 48 -3.55 -0.07 24.27
CA GLU B 48 -4.44 0.06 25.41
C GLU B 48 -5.12 -1.28 25.69
N ASP B 49 -5.65 -1.88 24.64
CA ASP B 49 -6.31 -3.18 24.73
C ASP B 49 -5.23 -4.26 24.71
N LYS B 50 -5.17 -5.07 25.76
CA LYS B 50 -4.15 -6.13 25.82
C LYS B 50 -4.51 -7.38 25.04
N THR B 51 -5.56 -7.30 24.23
CA THR B 51 -5.98 -8.44 23.41
C THR B 51 -5.53 -8.16 21.98
N ASP B 52 -5.30 -6.89 21.69
CA ASP B 52 -4.87 -6.43 20.37
C ASP B 52 -3.59 -7.16 19.96
N LYS B 53 -3.69 -7.96 18.91
CA LYS B 53 -2.54 -8.73 18.43
C LYS B 53 -1.98 -8.11 17.15
N GLY B 54 -2.30 -6.83 16.94
CA GLY B 54 -1.81 -6.14 15.76
C GLY B 54 -0.30 -6.02 15.76
N ILE B 55 0.24 -5.35 14.74
CA ILE B 55 1.69 -5.16 14.64
C ILE B 55 2.08 -3.80 15.20
N TYR B 56 3.14 -3.78 15.99
CA TYR B 56 3.62 -2.55 16.62
C TYR B 56 5.10 -2.32 16.41
N VAL B 57 5.48 -1.04 16.38
CA VAL B 57 6.88 -0.68 16.24
C VAL B 57 7.48 -0.69 17.66
N THR B 58 8.41 -1.62 17.89
CA THR B 58 9.03 -1.73 19.20
C THR B 58 10.38 -1.04 19.27
N ARG B 59 10.94 -0.70 18.12
CA ARG B 59 12.24 -0.04 18.09
C ARG B 59 12.40 0.82 16.84
N VAL B 60 13.10 1.93 16.99
CA VAL B 60 13.38 2.83 15.88
C VAL B 60 14.82 3.31 15.97
N SER B 61 15.69 2.78 15.12
CA SER B 61 17.10 3.16 15.12
C SER B 61 17.36 4.65 14.89
N GLU B 62 18.31 5.21 15.65
CA GLU B 62 18.68 6.62 15.55
C GLU B 62 19.35 6.90 14.22
N GLY B 63 18.92 7.95 13.55
CA GLY B 63 19.50 8.30 12.27
C GLY B 63 19.20 7.27 11.20
N GLY B 64 18.19 6.45 11.43
CA GLY B 64 17.83 5.45 10.44
C GLY B 64 16.75 5.98 9.52
N PRO B 65 16.39 5.23 8.47
CA PRO B 65 15.36 5.64 7.50
C PRO B 65 14.02 5.89 8.17
N ALA B 66 13.59 4.91 8.96
CA ALA B 66 12.33 5.00 9.67
C ALA B 66 12.27 6.23 10.60
N GLU B 67 13.33 6.45 11.38
CA GLU B 67 13.29 7.59 12.29
C GLU B 67 13.15 8.89 11.52
N ILE B 68 13.90 9.01 10.43
CA ILE B 68 13.86 10.22 9.62
C ILE B 68 12.51 10.38 8.93
N ALA B 69 11.85 9.24 8.67
CA ALA B 69 10.56 9.22 7.99
C ALA B 69 9.38 9.55 8.91
N GLY B 70 9.59 9.47 10.23
CA GLY B 70 8.51 9.79 11.15
C GLY B 70 8.03 8.64 12.02
N LEU B 71 8.45 7.42 11.71
CA LEU B 71 8.05 6.28 12.51
C LEU B 71 8.43 6.54 13.97
N GLN B 72 7.52 6.21 14.89
CA GLN B 72 7.74 6.38 16.32
C GLN B 72 7.48 5.08 17.03
N ILE B 73 8.26 4.81 18.08
CA ILE B 73 8.08 3.58 18.87
C ILE B 73 6.65 3.54 19.40
N GLY B 74 6.05 2.35 19.42
CA GLY B 74 4.69 2.24 19.90
C GLY B 74 3.63 2.40 18.81
N ASP B 75 4.06 2.80 17.62
CA ASP B 75 3.14 2.96 16.49
C ASP B 75 2.57 1.61 16.06
N LYS B 76 1.29 1.59 15.71
CA LYS B 76 0.67 0.35 15.25
C LYS B 76 0.54 0.39 13.72
N ILE B 77 1.16 -0.59 13.07
CA ILE B 77 1.13 -0.67 11.61
C ILE B 77 -0.18 -1.26 11.09
N MET B 78 -1.05 -0.40 10.54
CA MET B 78 -2.33 -0.84 10.01
C MET B 78 -2.14 -1.55 8.68
N GLN B 79 -1.44 -0.92 7.75
CA GLN B 79 -1.19 -1.53 6.45
C GLN B 79 0.12 -1.09 5.81
N VAL B 80 0.64 -1.94 4.94
CA VAL B 80 1.88 -1.66 4.25
C VAL B 80 1.70 -1.83 2.75
N ASN B 81 1.92 -0.75 1.99
CA ASN B 81 1.79 -0.78 0.55
C ASN B 81 0.52 -1.47 0.08
N GLY B 82 -0.61 -1.06 0.65
CA GLY B 82 -1.87 -1.65 0.28
C GLY B 82 -2.26 -2.87 1.10
N TRP B 83 -1.29 -3.72 1.44
CA TRP B 83 -1.59 -4.93 2.22
C TRP B 83 -2.00 -4.64 3.66
N ASP B 84 -2.96 -5.40 4.15
CA ASP B 84 -3.41 -5.22 5.51
C ASP B 84 -2.43 -5.83 6.52
N MET B 85 -2.26 -5.16 7.65
CA MET B 85 -1.34 -5.61 8.69
C MET B 85 -2.02 -5.84 10.04
N THR B 86 -3.34 -5.74 10.07
CA THR B 86 -4.07 -5.93 11.31
C THR B 86 -4.33 -7.40 11.68
N MET B 87 -4.54 -8.25 10.67
CA MET B 87 -4.84 -9.66 10.91
C MET B 87 -3.76 -10.62 10.42
N VAL B 88 -2.50 -10.21 10.49
CA VAL B 88 -1.42 -11.07 10.03
C VAL B 88 -0.56 -11.63 11.14
N THR B 89 0.24 -12.64 10.80
CA THR B 89 1.14 -13.24 11.76
C THR B 89 2.44 -12.47 11.74
N HIS B 90 3.31 -12.73 12.71
CA HIS B 90 4.57 -12.03 12.79
C HIS B 90 5.36 -12.16 11.49
N ASP B 91 5.56 -13.40 11.04
CA ASP B 91 6.32 -13.63 9.81
C ASP B 91 5.73 -12.95 8.59
N GLN B 92 4.41 -12.86 8.54
CA GLN B 92 3.75 -12.24 7.41
C GLN B 92 4.14 -10.77 7.33
N ALA B 93 3.98 -10.08 8.45
CA ALA B 93 4.31 -8.66 8.52
C ALA B 93 5.79 -8.48 8.19
N ARG B 94 6.61 -9.45 8.60
CA ARG B 94 8.05 -9.39 8.36
C ARG B 94 8.34 -9.48 6.87
N LYS B 95 7.58 -10.32 6.18
CA LYS B 95 7.77 -10.50 4.75
C LYS B 95 7.22 -9.33 3.93
N ARG B 96 6.14 -8.72 4.41
CA ARG B 96 5.54 -7.60 3.69
C ARG B 96 6.32 -6.29 3.85
N LEU B 97 7.32 -6.29 4.72
CA LEU B 97 8.13 -5.10 4.94
C LEU B 97 9.51 -5.32 4.34
N THR B 98 9.79 -6.57 3.98
CA THR B 98 11.09 -6.87 3.42
C THR B 98 11.07 -7.34 1.97
N LYS B 99 10.03 -6.99 1.22
CA LYS B 99 9.94 -7.36 -0.19
C LYS B 99 11.00 -6.57 -0.95
N ARG B 100 12.02 -7.28 -1.40
CA ARG B 100 13.14 -6.69 -2.12
C ARG B 100 12.78 -5.88 -3.37
N SER B 101 11.62 -6.13 -3.95
CA SER B 101 11.23 -5.42 -5.16
C SER B 101 10.66 -4.04 -4.88
N GLU B 102 10.51 -3.71 -3.60
CA GLU B 102 9.96 -2.40 -3.24
C GLU B 102 11.02 -1.60 -2.50
N GLU B 103 11.46 -0.50 -3.11
CA GLU B 103 12.46 0.36 -2.51
C GLU B 103 11.84 1.25 -1.45
N VAL B 104 10.51 1.29 -1.43
CA VAL B 104 9.78 2.11 -0.48
C VAL B 104 8.62 1.35 0.14
N VAL B 105 8.31 1.69 1.38
CA VAL B 105 7.19 1.08 2.07
C VAL B 105 6.31 2.23 2.49
N ARG B 106 5.03 2.15 2.15
CA ARG B 106 4.13 3.20 2.54
C ARG B 106 3.29 2.62 3.66
N LEU B 107 3.59 3.10 4.86
CA LEU B 107 2.91 2.64 6.06
C LEU B 107 1.74 3.47 6.48
N LEU B 108 0.71 2.79 6.95
CA LEU B 108 -0.45 3.47 7.47
C LEU B 108 -0.42 3.06 8.95
N VAL B 109 -0.28 4.04 9.84
CA VAL B 109 -0.21 3.73 11.27
C VAL B 109 -1.10 4.61 12.12
N THR B 110 -1.20 4.21 13.38
CA THR B 110 -1.99 4.92 14.38
C THR B 110 -1.12 5.01 15.61
N ARG B 111 -1.23 6.11 16.34
CA ARG B 111 -0.44 6.27 17.56
C ARG B 111 -1.25 7.06 18.58
N GLN B 112 -1.19 6.68 19.86
CA GLN B 112 -1.90 7.43 20.87
C GLN B 112 -1.21 8.77 20.75
N SER B 113 -1.95 9.87 20.77
CA SER B 113 -1.29 11.14 20.59
C SER B 113 -1.43 12.22 21.66
N LEU B 114 -1.23 13.45 21.20
CA LEU B 114 -1.28 14.65 22.01
C LEU B 114 -2.54 14.77 22.87
N GLN B 115 -2.34 15.31 24.08
CA GLN B 115 -3.40 15.53 25.07
C GLN B 115 -2.71 15.73 26.43
N LYS B 116 -3.35 16.51 27.29
CA LYS B 116 -2.81 16.80 28.63
C LYS B 116 -2.49 15.53 29.42
N ARG C 5 -0.81 -14.12 -11.22
CA ARG C 5 -1.64 -12.96 -11.68
C ARG C 5 -0.82 -12.03 -12.58
N ARG C 6 -1.32 -11.78 -13.78
CA ARG C 6 -0.62 -10.90 -14.71
C ARG C 6 -0.57 -9.51 -14.11
N GLU C 7 0.34 -8.68 -14.62
CA GLU C 7 0.47 -7.33 -14.12
C GLU C 7 1.11 -6.41 -15.14
N SER C 8 0.51 -5.25 -15.33
CA SER C 8 1.02 -4.30 -16.30
C SER C 8 1.50 -3.02 -15.66
N ALA C 9 2.69 -2.61 -16.05
CA ALA C 9 3.28 -1.38 -15.55
C ALA C 9 2.96 -0.37 -16.62
N ILE C 10 2.39 0.75 -16.23
CA ILE C 10 2.04 1.78 -17.18
C ILE C 10 2.60 3.12 -16.70
N ARG D 5 9.02 -12.23 24.06
CA ARG D 5 8.22 -12.06 22.81
C ARG D 5 9.12 -11.90 21.59
N ARG D 6 8.60 -12.29 20.42
CA ARG D 6 9.35 -12.16 19.17
C ARG D 6 9.53 -10.72 18.73
N GLU D 7 10.63 -10.47 18.03
CA GLU D 7 10.95 -9.15 17.51
C GLU D 7 11.86 -9.27 16.29
N SER D 8 11.45 -8.64 15.19
CA SER D 8 12.23 -8.68 13.97
C SER D 8 12.87 -7.33 13.69
N ALA D 9 14.13 -7.37 13.29
CA ALA D 9 14.87 -6.16 12.97
C ALA D 9 14.91 -6.02 11.46
N ILE D 10 14.17 -5.04 10.97
CA ILE D 10 14.09 -4.77 9.54
C ILE D 10 14.84 -3.48 9.20
#